data_7YMB
#
_entry.id   7YMB
#
_cell.length_a   50.644
_cell.length_b   48.322
_cell.length_c   70.475
_cell.angle_alpha   90.000
_cell.angle_beta   96.630
_cell.angle_gamma   90.000
#
_symmetry.space_group_name_H-M   'P 1 21 1'
#
loop_
_entity.id
_entity.type
_entity.pdbx_description
1 polymer 'NADPH-dependent methylglyoxal reductase GRE2'
2 non-polymer 'NADPH DIHYDRO-NICOTINAMIDE-ADENINE-DINUCLEOTIDE PHOSPHATE'
3 water water
#
_entity_poly.entity_id   1
_entity_poly.type   'polypeptide(L)'
_entity_poly.pdbx_seq_one_letter_code
;MTAANNNTTVFVSGASGFIAQHIIRQLLDQNYKVIGSVRSTEKGDNLKNAIFKSANFNYEIVKDIADLNAFDPVFEKHGK
DIKVVLHTASPLNFTTTEYEKDLLIPAVNGTKGILESIKKYAAQTVERVVVTSSFASHTSTVDMCNTKGKITEDSWNQDT
WENCQTDAVRAYFGSKKFAEEAAWEFLNKNKDTVKFKLATVDPVYVFGPQNHIEPGKKVLNVSSEVINQLVHLKKDDPLP
QVACGYIDVRDIAKAHILAFQKDELIGQRLLLHSGLFTVQTLLDAINEQFPELRGKIPAGEPGSNKPEDLLTPIDNTKTK
KLLGFEFRDLKTIIQDTVSQILEAENASAKL
;
_entity_poly.pdbx_strand_id   A
#
# COMPACT_ATOMS: atom_id res chain seq x y z
N THR A 2 8.48 2.06 25.19
CA THR A 2 9.56 1.29 24.51
C THR A 2 9.73 -0.09 25.17
N ALA A 3 9.55 -0.18 26.50
CA ALA A 3 9.59 -1.49 27.21
C ALA A 3 8.35 -2.31 26.83
N ALA A 4 7.16 -1.72 26.90
CA ALA A 4 5.91 -2.46 26.58
C ALA A 4 5.90 -2.90 25.11
N ASN A 5 6.32 -2.03 24.20
CA ASN A 5 6.30 -2.34 22.75
C ASN A 5 7.22 -3.53 22.42
N ASN A 6 8.34 -3.68 23.12
CA ASN A 6 9.27 -4.72 22.70
C ASN A 6 8.84 -6.10 23.19
N ASN A 7 7.84 -6.15 24.07
CA ASN A 7 7.15 -7.41 24.40
C ASN A 7 6.28 -7.91 23.24
N THR A 8 5.99 -7.05 22.27
CA THR A 8 5.02 -7.35 21.21
C THR A 8 5.73 -7.67 19.92
N THR A 9 5.29 -8.74 19.26
CA THR A 9 5.82 -9.13 17.94
C THR A 9 4.76 -8.86 16.89
N VAL A 10 5.16 -8.17 15.82
CA VAL A 10 4.28 -7.81 14.71
C VAL A 10 4.72 -8.62 13.50
N PHE A 11 3.77 -9.33 12.87
CA PHE A 11 4.05 -10.02 11.61
C PHE A 11 3.62 -9.15 10.44
N VAL A 12 4.50 -8.99 9.46
CA VAL A 12 4.25 -8.16 8.27
C VAL A 12 4.47 -9.00 7.01
N SER A 13 3.39 -9.26 6.27
CA SER A 13 3.52 -9.96 5.00
C SER A 13 4.08 -9.03 3.94
N GLY A 14 4.92 -9.58 3.06
CA GLY A 14 5.49 -8.84 1.95
C GLY A 14 6.47 -7.78 2.39
N ALA A 15 7.39 -8.16 3.29
CA ALA A 15 8.24 -7.21 3.97
C ALA A 15 9.21 -6.48 3.04
N SER A 16 9.48 -7.03 1.86
CA SER A 16 10.45 -6.38 1.00
C SER A 16 9.86 -5.23 0.20
N GLY A 17 8.52 -5.03 0.23
CA GLY A 17 7.90 -4.06 -0.65
C GLY A 17 8.05 -2.60 -0.18
N PHE A 18 7.64 -1.70 -1.09
CA PHE A 18 7.78 -0.25 -0.88
C PHE A 18 7.08 0.21 0.39
N ILE A 19 5.78 -0.07 0.49
CA ILE A 19 5.03 0.37 1.66
C ILE A 19 5.47 -0.39 2.91
N ALA A 20 5.65 -1.70 2.79
CA ALA A 20 5.97 -2.51 3.96
C ALA A 20 7.32 -2.13 4.58
N GLN A 21 8.32 -1.79 3.76
CA GLN A 21 9.61 -1.40 4.37
C GLN A 21 9.43 -0.16 5.24
N HIS A 22 8.61 0.79 4.77
CA HIS A 22 8.36 1.99 5.58
C HIS A 22 7.58 1.65 6.84
N ILE A 23 6.64 0.72 6.74
CA ILE A 23 5.95 0.24 7.93
C ILE A 23 6.95 -0.33 8.93
N ILE A 24 7.85 -1.20 8.45
CA ILE A 24 8.77 -1.89 9.33
C ILE A 24 9.78 -0.90 9.94
N ARG A 25 10.21 0.09 9.15
CA ARG A 25 11.07 1.15 9.67
C ARG A 25 10.45 1.80 10.89
N GLN A 26 9.17 2.19 10.79
CA GLN A 26 8.53 2.90 11.88
C GLN A 26 8.20 1.97 13.05
N LEU A 27 7.96 0.68 12.78
CA LEU A 27 7.77 -0.29 13.86
C LEU A 27 9.05 -0.44 14.68
N LEU A 28 10.19 -0.56 14.01
CA LEU A 28 11.47 -0.67 14.72
C LEU A 28 11.81 0.63 15.44
N ASP A 29 11.41 1.78 14.89
CA ASP A 29 11.61 3.05 15.59
C ASP A 29 10.90 3.06 16.94
N GLN A 30 9.77 2.36 17.04
CA GLN A 30 9.01 2.30 18.28
C GLN A 30 9.37 1.09 19.13
N ASN A 31 10.44 0.37 18.76
CA ASN A 31 11.02 -0.74 19.52
C ASN A 31 10.18 -2.01 19.48
N TYR A 32 9.29 -2.14 18.49
CA TYR A 32 8.56 -3.39 18.33
C TYR A 32 9.49 -4.47 17.80
N LYS A 33 9.16 -5.72 18.10
CA LYS A 33 9.78 -6.84 17.42
C LYS A 33 9.01 -7.08 16.12
N VAL A 34 9.71 -7.48 15.05
CA VAL A 34 9.07 -7.64 13.75
C VAL A 34 9.49 -8.95 13.10
N ILE A 35 8.52 -9.68 12.54
CA ILE A 35 8.76 -10.80 11.65
C ILE A 35 8.12 -10.44 10.30
N GLY A 36 8.92 -10.40 9.23
CA GLY A 36 8.41 -10.12 7.90
C GLY A 36 8.55 -11.33 6.99
N SER A 37 7.60 -11.50 6.08
CA SER A 37 7.69 -12.59 5.11
C SER A 37 8.26 -12.07 3.80
N VAL A 38 9.10 -12.89 3.15
CA VAL A 38 9.70 -12.57 1.87
C VAL A 38 9.64 -13.82 0.99
N ARG A 39 9.83 -13.64 -0.31
CA ARG A 39 9.72 -14.75 -1.23
C ARG A 39 11.04 -15.50 -1.45
N SER A 40 12.15 -15.00 -0.92
CA SER A 40 13.44 -15.63 -1.20
C SER A 40 14.44 -15.31 -0.11
N THR A 41 15.50 -16.13 -0.05
CA THR A 41 16.58 -15.89 0.91
C THR A 41 17.39 -14.65 0.52
N GLU A 42 17.55 -14.42 -0.79
CA GLU A 42 18.26 -13.21 -1.22
C GLU A 42 17.55 -11.97 -0.69
N LYS A 43 16.22 -11.90 -0.86
CA LYS A 43 15.48 -10.75 -0.36
C LYS A 43 15.50 -10.65 1.16
N GLY A 44 15.33 -11.78 1.85
CA GLY A 44 15.35 -11.76 3.31
C GLY A 44 16.69 -11.32 3.88
N ASP A 45 17.78 -11.84 3.30
CA ASP A 45 19.12 -11.46 3.75
C ASP A 45 19.37 -9.98 3.50
N ASN A 46 18.95 -9.47 2.34
CA ASN A 46 19.12 -8.06 2.05
C ASN A 46 18.45 -7.20 3.11
N LEU A 47 17.22 -7.56 3.50
CA LEU A 47 16.51 -6.78 4.50
C LEU A 47 17.25 -6.79 5.84
N LYS A 48 17.54 -7.99 6.34
CA LYS A 48 18.10 -8.11 7.69
C LYS A 48 19.55 -7.64 7.73
N ASN A 49 20.32 -7.92 6.67
CA ASN A 49 21.75 -7.62 6.69
C ASN A 49 22.06 -6.18 6.25
N ALA A 50 21.30 -5.65 5.29
CA ALA A 50 21.67 -4.37 4.67
C ALA A 50 20.73 -3.21 4.98
N ILE A 51 19.50 -3.46 5.44
CA ILE A 51 18.48 -2.42 5.51
C ILE A 51 18.10 -2.10 6.96
N PHE A 52 17.71 -3.11 7.74
CA PHE A 52 17.29 -2.82 9.10
C PHE A 52 18.41 -2.99 10.12
N LYS A 53 19.19 -4.06 10.04
CA LYS A 53 20.34 -4.30 10.93
C LYS A 53 19.92 -4.19 12.40
N SER A 54 18.85 -4.88 12.75
CA SER A 54 18.32 -4.83 14.11
C SER A 54 17.99 -6.23 14.57
N ALA A 55 18.29 -6.52 15.84
CA ALA A 55 17.85 -7.77 16.44
C ALA A 55 16.34 -7.85 16.55
N ASN A 56 15.64 -6.74 16.37
CA ASN A 56 14.18 -6.75 16.41
C ASN A 56 13.55 -7.12 15.08
N PHE A 57 14.32 -7.37 14.02
CA PHE A 57 13.77 -7.79 12.74
C PHE A 57 14.28 -9.18 12.36
N ASN A 58 13.34 -10.08 12.06
CA ASN A 58 13.64 -11.37 11.47
C ASN A 58 12.68 -11.61 10.30
N TYR A 59 13.04 -12.56 9.44
CA TYR A 59 12.21 -12.86 8.28
C TYR A 59 11.89 -14.35 8.22
N GLU A 60 10.82 -14.64 7.50
CA GLU A 60 10.45 -16.00 7.12
C GLU A 60 10.10 -15.99 5.64
N ILE A 61 10.23 -17.14 4.99
CA ILE A 61 9.95 -17.26 3.55
C ILE A 61 8.52 -17.74 3.36
N VAL A 62 7.73 -16.94 2.64
CA VAL A 62 6.41 -17.32 2.14
C VAL A 62 6.49 -17.05 0.63
N LYS A 63 6.70 -18.10 -0.15
CA LYS A 63 7.08 -17.95 -1.55
C LYS A 63 5.94 -17.44 -2.41
N ASP A 64 4.70 -17.84 -2.10
CA ASP A 64 3.55 -17.45 -2.93
C ASP A 64 2.30 -17.44 -2.07
N ILE A 65 1.70 -16.25 -1.92
CA ILE A 65 0.49 -16.12 -1.10
C ILE A 65 -0.74 -16.70 -1.74
N ALA A 66 -0.70 -17.03 -3.04
CA ALA A 66 -1.86 -17.64 -3.66
C ALA A 66 -2.05 -19.09 -3.26
N ASP A 67 -1.09 -19.65 -2.52
CA ASP A 67 -0.98 -21.08 -2.30
C ASP A 67 -1.79 -21.51 -1.10
N LEU A 68 -2.39 -22.70 -1.20
CA LEU A 68 -3.16 -23.26 -0.10
C LEU A 68 -2.26 -23.42 1.13
N ASN A 69 -2.61 -22.71 2.20
CA ASN A 69 -1.92 -22.83 3.48
C ASN A 69 -0.53 -22.20 3.44
N ALA A 70 -0.36 -21.17 2.60
CA ALA A 70 0.95 -20.52 2.46
C ALA A 70 1.48 -20.00 3.79
N PHE A 71 0.60 -19.51 4.65
CA PHE A 71 0.98 -18.90 5.92
C PHE A 71 0.93 -19.87 7.09
N ASP A 72 0.62 -21.14 6.86
CA ASP A 72 0.56 -22.08 7.98
C ASP A 72 1.91 -22.28 8.66
N PRO A 73 3.03 -22.50 7.96
CA PRO A 73 4.29 -22.71 8.70
C PRO A 73 4.68 -21.52 9.55
N VAL A 74 4.46 -20.29 9.06
CA VAL A 74 4.78 -19.09 9.84
C VAL A 74 4.04 -19.09 11.17
N PHE A 75 2.72 -19.34 11.15
CA PHE A 75 1.96 -19.21 12.38
C PHE A 75 2.02 -20.47 13.24
N GLU A 76 2.33 -21.64 12.66
CA GLU A 76 2.66 -22.78 13.48
C GLU A 76 3.92 -22.50 14.31
N LYS A 77 4.96 -21.96 13.67
CA LYS A 77 6.21 -21.68 14.37
C LYS A 77 6.06 -20.53 15.37
N HIS A 78 5.47 -19.40 14.93
CA HIS A 78 5.48 -18.16 15.71
C HIS A 78 4.12 -17.75 16.29
N GLY A 79 3.08 -18.56 16.12
CA GLY A 79 1.73 -18.10 16.42
C GLY A 79 1.53 -17.69 17.86
N LYS A 80 2.29 -18.31 18.78
CA LYS A 80 2.14 -18.02 20.19
C LYS A 80 2.64 -16.64 20.58
N ASP A 81 3.40 -16.00 19.70
CA ASP A 81 4.06 -14.76 20.04
C ASP A 81 3.53 -13.55 19.27
N ILE A 82 2.72 -13.77 18.25
CA ILE A 82 2.31 -12.70 17.36
C ILE A 82 0.99 -12.11 17.85
N LYS A 83 1.00 -10.85 18.26
CA LYS A 83 -0.21 -10.17 18.70
C LYS A 83 -0.82 -9.25 17.64
N VAL A 84 -0.04 -8.88 16.61
CA VAL A 84 -0.49 -7.95 15.58
C VAL A 84 -0.07 -8.48 14.21
N VAL A 85 -0.98 -8.45 13.25
CA VAL A 85 -0.69 -8.89 11.88
C VAL A 85 -1.02 -7.74 10.93
N LEU A 86 -0.04 -7.33 10.13
CA LEU A 86 -0.23 -6.33 9.07
C LEU A 86 -0.09 -7.06 7.75
N HIS A 87 -1.21 -7.34 7.09
CA HIS A 87 -1.19 -8.05 5.82
C HIS A 87 -1.09 -7.04 4.67
N THR A 88 0.11 -6.88 4.11
CA THR A 88 0.29 -5.88 3.06
C THR A 88 0.55 -6.48 1.69
N ALA A 89 0.86 -7.77 1.61
CA ALA A 89 1.37 -8.37 0.37
C ALA A 89 0.25 -8.65 -0.62
N SER A 90 0.38 -8.11 -1.85
CA SER A 90 -0.58 -8.41 -2.90
C SER A 90 0.04 -7.96 -4.22
N PRO A 91 -0.18 -8.68 -5.32
CA PRO A 91 0.49 -8.30 -6.58
C PRO A 91 -0.03 -6.98 -7.13
N LEU A 92 0.90 -6.07 -7.39
CA LEU A 92 0.65 -4.78 -8.06
C LEU A 92 1.55 -4.70 -9.29
N ASN A 93 0.98 -5.05 -10.44
CA ASN A 93 1.71 -5.22 -11.68
C ASN A 93 0.71 -5.22 -12.84
N PHE A 94 1.04 -4.51 -13.91
CA PHE A 94 0.15 -4.37 -15.04
C PHE A 94 0.63 -5.12 -16.28
N THR A 95 1.61 -6.02 -16.12
CA THR A 95 2.29 -6.64 -17.25
C THR A 95 1.70 -8.01 -17.62
N THR A 96 0.67 -8.46 -16.93
CA THR A 96 0.06 -9.76 -17.19
C THR A 96 -1.23 -9.62 -17.99
N THR A 97 -1.52 -10.63 -18.81
CA THR A 97 -2.87 -10.83 -19.35
C THR A 97 -3.63 -11.90 -18.59
N GLU A 98 -2.99 -12.55 -17.62
CA GLU A 98 -3.60 -13.63 -16.84
C GLU A 98 -4.18 -13.02 -15.57
N TYR A 99 -5.32 -12.33 -15.71
CA TYR A 99 -5.82 -11.48 -14.62
C TYR A 99 -6.21 -12.31 -13.41
N GLU A 100 -6.83 -13.48 -13.62
CA GLU A 100 -7.25 -14.30 -12.49
C GLU A 100 -6.04 -14.96 -11.84
N LYS A 101 -5.17 -15.58 -12.64
CA LYS A 101 -4.04 -16.32 -12.07
C LYS A 101 -3.05 -15.39 -11.38
N ASP A 102 -2.81 -14.20 -11.94
CA ASP A 102 -1.72 -13.34 -11.50
C ASP A 102 -2.15 -12.17 -10.62
N LEU A 103 -3.42 -11.77 -10.66
CA LEU A 103 -3.89 -10.65 -9.83
C LEU A 103 -5.03 -11.04 -8.89
N LEU A 104 -6.19 -11.42 -9.42
CA LEU A 104 -7.38 -11.59 -8.59
C LEU A 104 -7.19 -12.71 -7.56
N ILE A 105 -6.73 -13.88 -8.01
CA ILE A 105 -6.69 -15.01 -7.08
C ILE A 105 -5.59 -14.86 -6.03
N PRO A 106 -4.36 -14.41 -6.35
CA PRO A 106 -3.39 -14.21 -5.26
C PRO A 106 -3.81 -13.13 -4.26
N ALA A 107 -4.41 -12.05 -4.73
CA ALA A 107 -4.93 -11.04 -3.82
C ALA A 107 -5.94 -11.65 -2.83
N VAL A 108 -6.93 -12.38 -3.35
CA VAL A 108 -7.99 -12.89 -2.48
C VAL A 108 -7.48 -14.03 -1.61
N ASN A 109 -6.79 -14.99 -2.21
CA ASN A 109 -6.38 -16.17 -1.46
C ASN A 109 -5.25 -15.86 -0.49
N GLY A 110 -4.44 -14.87 -0.82
CA GLY A 110 -3.45 -14.39 0.13
C GLY A 110 -4.09 -13.85 1.40
N THR A 111 -5.20 -13.11 1.23
CA THR A 111 -5.94 -12.49 2.34
C THR A 111 -6.75 -13.52 3.11
N LYS A 112 -7.50 -14.36 2.40
CA LYS A 112 -8.21 -15.47 3.05
C LYS A 112 -7.23 -16.36 3.79
N GLY A 113 -6.11 -16.67 3.14
CA GLY A 113 -5.15 -17.63 3.68
C GLY A 113 -4.53 -17.17 4.99
N ILE A 114 -4.10 -15.89 5.04
CA ILE A 114 -3.43 -15.46 6.25
C ILE A 114 -4.41 -15.42 7.42
N LEU A 115 -5.68 -15.10 7.16
CA LEU A 115 -6.63 -15.06 8.24
C LEU A 115 -7.01 -16.46 8.70
N GLU A 116 -7.12 -17.40 7.76
CA GLU A 116 -7.35 -18.79 8.13
C GLU A 116 -6.18 -19.34 8.96
N SER A 117 -4.95 -18.95 8.63
CA SER A 117 -3.80 -19.40 9.40
C SER A 117 -3.81 -18.83 10.82
N ILE A 118 -4.26 -17.58 10.98
CA ILE A 118 -4.41 -17.02 12.32
C ILE A 118 -5.42 -17.82 13.12
N LYS A 119 -6.57 -18.13 12.50
CA LYS A 119 -7.58 -18.92 13.19
C LYS A 119 -7.03 -20.29 13.58
N LYS A 120 -6.20 -20.89 12.72
CA LYS A 120 -5.75 -22.26 12.92
C LYS A 120 -4.72 -22.36 14.06
N TYR A 121 -3.80 -21.40 14.15
CA TYR A 121 -2.66 -21.49 15.04
C TYR A 121 -2.56 -20.36 16.05
N ALA A 122 -3.45 -19.37 16.00
CA ALA A 122 -3.26 -18.20 16.85
C ALA A 122 -4.57 -17.50 17.14
N ALA A 123 -5.64 -18.27 17.31
CA ALA A 123 -6.99 -17.70 17.34
C ALA A 123 -7.19 -16.78 18.54
N GLN A 124 -6.55 -17.10 19.67
CA GLN A 124 -6.70 -16.30 20.87
C GLN A 124 -5.46 -15.47 21.16
N THR A 125 -4.48 -15.47 20.25
CA THR A 125 -3.24 -14.74 20.45
C THR A 125 -3.18 -13.43 19.67
N VAL A 126 -3.65 -13.41 18.42
CA VAL A 126 -3.60 -12.19 17.61
C VAL A 126 -4.71 -11.27 18.07
N GLU A 127 -4.35 -10.05 18.49
CA GLU A 127 -5.35 -9.08 18.92
C GLU A 127 -5.82 -8.18 17.80
N ARG A 128 -4.94 -7.83 16.86
CA ARG A 128 -5.26 -6.82 15.85
C ARG A 128 -4.69 -7.21 14.50
N VAL A 129 -5.49 -7.00 13.46
CA VAL A 129 -5.11 -7.17 12.06
C VAL A 129 -5.39 -5.87 11.33
N VAL A 130 -4.44 -5.45 10.49
CA VAL A 130 -4.63 -4.37 9.53
C VAL A 130 -4.36 -4.95 8.15
N VAL A 131 -5.31 -4.75 7.23
CA VAL A 131 -5.16 -5.15 5.83
C VAL A 131 -4.87 -3.92 4.99
N THR A 132 -3.83 -3.98 4.14
CA THR A 132 -3.59 -2.91 3.17
C THR A 132 -4.55 -3.11 2.00
N SER A 133 -5.57 -2.27 1.93
CA SER A 133 -6.51 -2.31 0.81
C SER A 133 -6.13 -1.21 -0.18
N SER A 134 -7.09 -0.48 -0.75
CA SER A 134 -6.74 0.57 -1.70
C SER A 134 -7.94 1.47 -1.93
N PHE A 135 -7.64 2.69 -2.40
CA PHE A 135 -8.67 3.51 -3.06
C PHE A 135 -9.41 2.70 -4.12
N ALA A 136 -8.74 1.73 -4.73
CA ALA A 136 -9.38 0.86 -5.74
C ALA A 136 -10.56 0.08 -5.18
N SER A 137 -10.59 -0.14 -3.86
CA SER A 137 -11.71 -0.86 -3.29
C SER A 137 -12.92 0.03 -3.09
N HIS A 138 -12.73 1.35 -3.21
CA HIS A 138 -13.79 2.33 -3.10
C HIS A 138 -14.38 2.75 -4.45
N THR A 139 -13.64 2.56 -5.55
CA THR A 139 -14.14 2.92 -6.88
C THR A 139 -13.50 2.04 -7.94
N SER A 140 -14.28 1.62 -8.93
CA SER A 140 -13.69 1.05 -10.14
C SER A 140 -12.98 2.14 -10.94
N THR A 141 -12.11 1.70 -11.87
CA THR A 141 -11.52 2.66 -12.79
C THR A 141 -12.60 3.40 -13.59
N VAL A 142 -13.74 2.75 -13.86
CA VAL A 142 -14.74 3.38 -14.72
C VAL A 142 -15.56 4.44 -14.00
N ASP A 143 -15.42 4.55 -12.66
CA ASP A 143 -16.13 5.54 -11.86
C ASP A 143 -15.21 6.56 -11.21
N MET A 144 -13.92 6.57 -11.58
CA MET A 144 -12.93 7.47 -10.98
C MET A 144 -12.96 8.87 -11.57
N CYS A 145 -13.54 9.04 -12.75
CA CYS A 145 -13.46 10.35 -13.40
C CYS A 145 -14.87 10.87 -13.70
N ASN A 146 -15.68 10.99 -12.65
CA ASN A 146 -17.02 11.57 -12.72
C ASN A 146 -17.03 12.75 -11.78
N THR A 147 -16.86 13.96 -12.34
CA THR A 147 -16.77 15.13 -11.46
C THR A 147 -18.05 15.40 -10.68
N LYS A 148 -19.16 14.74 -11.02
CA LYS A 148 -20.42 14.95 -10.34
C LYS A 148 -20.70 13.87 -9.29
N GLY A 149 -19.78 12.93 -9.10
CA GLY A 149 -19.91 11.90 -8.09
C GLY A 149 -19.28 12.30 -6.78
N LYS A 150 -19.06 11.30 -5.92
CA LYS A 150 -18.44 11.51 -4.61
C LYS A 150 -17.97 10.17 -4.07
N ILE A 151 -16.72 10.10 -3.63
CA ILE A 151 -16.15 8.91 -3.01
C ILE A 151 -15.90 9.20 -1.54
N THR A 152 -16.34 8.29 -0.66
CA THR A 152 -16.06 8.42 0.77
C THR A 152 -15.62 7.06 1.31
N GLU A 153 -15.44 7.01 2.63
CA GLU A 153 -15.04 5.76 3.27
C GLU A 153 -16.06 4.66 3.01
N ASP A 154 -17.32 5.03 2.80
CA ASP A 154 -18.40 4.07 2.62
C ASP A 154 -18.55 3.58 1.19
N SER A 155 -17.86 4.20 0.22
CA SER A 155 -17.98 3.83 -1.18
C SER A 155 -17.30 2.50 -1.47
N TRP A 156 -17.95 1.65 -2.29
CA TRP A 156 -17.33 0.43 -2.77
C TRP A 156 -17.24 0.42 -4.29
N ASN A 157 -16.13 -0.12 -4.78
CA ASN A 157 -15.95 -0.44 -6.20
C ASN A 157 -17.12 -1.31 -6.68
N GLN A 158 -17.78 -0.90 -7.77
CA GLN A 158 -19.00 -1.57 -8.21
C GLN A 158 -18.77 -2.73 -9.17
N ASP A 159 -17.52 -3.01 -9.55
CA ASP A 159 -17.25 -4.04 -10.54
C ASP A 159 -17.51 -5.47 -10.12
N THR A 160 -17.63 -6.37 -11.09
CA THR A 160 -17.79 -7.78 -10.79
C THR A 160 -16.50 -8.51 -11.11
N TRP A 161 -16.38 -9.75 -10.67
CA TRP A 161 -15.21 -10.55 -10.99
C TRP A 161 -15.01 -10.59 -12.49
N GLU A 162 -16.11 -10.68 -13.24
CA GLU A 162 -16.03 -10.79 -14.69
C GLU A 162 -15.69 -9.45 -15.35
N ASN A 163 -16.45 -8.40 -15.05
CA ASN A 163 -16.35 -7.20 -15.87
C ASN A 163 -15.13 -6.34 -15.53
N CYS A 164 -14.41 -6.64 -14.43
CA CYS A 164 -13.18 -5.89 -14.18
C CYS A 164 -12.03 -6.36 -15.06
N GLN A 165 -12.19 -7.46 -15.79
CA GLN A 165 -11.10 -8.09 -16.55
C GLN A 165 -10.94 -7.52 -17.96
N THR A 166 -11.13 -6.21 -18.14
CA THR A 166 -10.89 -5.58 -19.44
C THR A 166 -9.41 -5.36 -19.71
N ASP A 167 -8.61 -5.25 -18.65
CA ASP A 167 -7.21 -4.88 -18.75
C ASP A 167 -6.62 -5.04 -17.35
N ALA A 168 -5.30 -4.97 -17.28
CA ALA A 168 -4.61 -5.32 -16.04
C ALA A 168 -4.85 -4.28 -14.94
N VAL A 169 -5.07 -3.02 -15.33
CA VAL A 169 -5.29 -1.98 -14.33
C VAL A 169 -6.66 -2.17 -13.66
N ARG A 170 -7.71 -2.28 -14.47
CA ARG A 170 -9.04 -2.47 -13.91
C ARG A 170 -9.12 -3.80 -13.16
N ALA A 171 -8.40 -4.83 -13.64
CA ALA A 171 -8.40 -6.11 -12.94
C ALA A 171 -7.67 -6.02 -11.61
N TYR A 172 -6.51 -5.33 -11.56
CA TYR A 172 -5.86 -5.10 -10.28
C TYR A 172 -6.78 -4.35 -9.32
N PHE A 173 -7.47 -3.31 -9.81
CA PHE A 173 -8.45 -2.61 -8.99
C PHE A 173 -9.46 -3.58 -8.41
N GLY A 174 -9.98 -4.48 -9.25
CA GLY A 174 -10.88 -5.51 -8.74
C GLY A 174 -10.24 -6.39 -7.68
N SER A 175 -8.97 -6.77 -7.88
CA SER A 175 -8.31 -7.65 -6.92
C SER A 175 -8.32 -7.05 -5.52
N LYS A 176 -8.08 -5.74 -5.42
CA LYS A 176 -8.12 -5.08 -4.11
C LYS A 176 -9.52 -5.13 -3.51
N LYS A 177 -10.53 -4.82 -4.31
CA LYS A 177 -11.92 -4.88 -3.86
C LYS A 177 -12.25 -6.24 -3.27
N PHE A 178 -12.03 -7.31 -4.05
CA PHE A 178 -12.49 -8.63 -3.60
C PHE A 178 -11.66 -9.14 -2.42
N ALA A 179 -10.37 -8.79 -2.37
CA ALA A 179 -9.57 -9.18 -1.22
C ALA A 179 -10.05 -8.47 0.05
N GLU A 180 -10.36 -7.18 -0.04
CA GLU A 180 -10.84 -6.48 1.15
C GLU A 180 -12.20 -7.03 1.56
N GLU A 181 -13.07 -7.28 0.58
CA GLU A 181 -14.37 -7.88 0.88
C GLU A 181 -14.18 -9.18 1.63
N ALA A 182 -13.22 -10.00 1.17
CA ALA A 182 -12.93 -11.28 1.80
C ALA A 182 -12.47 -11.12 3.24
N ALA A 183 -11.74 -10.04 3.54
CA ALA A 183 -11.25 -9.90 4.92
C ALA A 183 -12.42 -9.64 5.86
N TRP A 184 -13.33 -8.73 5.47
CA TRP A 184 -14.49 -8.44 6.33
C TRP A 184 -15.43 -9.64 6.42
N GLU A 185 -15.63 -10.35 5.32
CA GLU A 185 -16.49 -11.54 5.33
C GLU A 185 -15.91 -12.61 6.25
N PHE A 186 -14.57 -12.71 6.32
CA PHE A 186 -13.95 -13.67 7.23
C PHE A 186 -14.39 -13.42 8.68
N LEU A 187 -14.34 -12.15 9.12
CA LEU A 187 -14.86 -11.84 10.44
C LEU A 187 -16.36 -12.02 10.53
N ASN A 188 -17.09 -11.83 9.44
CA ASN A 188 -18.52 -12.03 9.51
C ASN A 188 -18.81 -13.49 9.85
N LYS A 189 -18.03 -14.43 9.33
CA LYS A 189 -18.33 -15.81 9.64
C LYS A 189 -17.55 -16.35 10.83
N ASN A 190 -16.62 -15.58 11.39
CA ASN A 190 -15.78 -16.10 12.47
C ASN A 190 -15.75 -15.16 13.66
N LYS A 191 -16.81 -14.36 13.86
CA LYS A 191 -16.85 -13.45 15.00
C LYS A 191 -16.60 -14.18 16.31
N ASP A 192 -17.12 -15.38 16.46
CA ASP A 192 -17.03 -16.12 17.71
C ASP A 192 -15.89 -17.13 17.73
N THR A 193 -15.11 -17.23 16.66
CA THR A 193 -13.98 -18.13 16.57
C THR A 193 -12.63 -17.47 16.85
N VAL A 194 -12.50 -16.16 16.62
CA VAL A 194 -11.22 -15.47 16.72
C VAL A 194 -11.37 -14.20 17.55
N LYS A 195 -10.29 -13.82 18.22
CA LYS A 195 -10.24 -12.64 19.07
C LYS A 195 -9.95 -11.35 18.30
N PHE A 196 -9.28 -11.43 17.15
CA PHE A 196 -8.74 -10.21 16.57
C PHE A 196 -9.86 -9.30 16.04
N LYS A 197 -9.57 -8.00 16.08
CA LYS A 197 -10.37 -6.96 15.45
C LYS A 197 -9.60 -6.48 14.22
N LEU A 198 -10.33 -5.93 13.24
CA LEU A 198 -9.74 -5.61 11.94
C LEU A 198 -9.95 -4.14 11.59
N ALA A 199 -8.99 -3.58 10.86
CA ALA A 199 -9.12 -2.29 10.20
C ALA A 199 -8.40 -2.38 8.85
N THR A 200 -8.77 -1.51 7.90
CA THR A 200 -8.05 -1.46 6.64
C THR A 200 -7.51 -0.06 6.37
N VAL A 201 -6.33 -0.03 5.73
CA VAL A 201 -5.71 1.21 5.26
C VAL A 201 -5.83 1.21 3.74
N ASP A 202 -6.44 2.25 3.18
CA ASP A 202 -6.91 2.20 1.79
C ASP A 202 -6.28 3.39 1.05
N PRO A 203 -5.07 3.24 0.49
CA PRO A 203 -4.37 4.40 -0.08
C PRO A 203 -4.76 4.68 -1.53
N VAL A 204 -4.61 5.95 -1.91
CA VAL A 204 -4.58 6.35 -3.31
C VAL A 204 -3.19 6.01 -3.83
N TYR A 205 -2.76 6.64 -4.93
CA TYR A 205 -1.38 6.41 -5.39
C TYR A 205 -0.38 6.87 -4.32
N VAL A 206 0.59 6.02 -4.02
CA VAL A 206 1.51 6.26 -2.92
C VAL A 206 2.85 6.70 -3.50
N PHE A 207 3.26 7.92 -3.18
CA PHE A 207 4.54 8.43 -3.61
C PHE A 207 5.45 8.58 -2.40
N GLY A 208 6.58 9.24 -2.57
CA GLY A 208 7.52 9.37 -1.48
C GLY A 208 8.82 8.62 -1.74
N PRO A 209 9.79 8.86 -0.88
CA PRO A 209 11.10 8.22 -1.02
C PRO A 209 11.06 6.73 -0.73
N GLN A 210 11.92 5.98 -1.43
CA GLN A 210 12.20 4.59 -1.06
C GLN A 210 12.81 4.54 0.32
N ASN A 211 12.52 3.45 1.06
CA ASN A 211 13.09 3.33 2.39
C ASN A 211 14.60 3.11 2.32
N HIS A 212 15.07 2.51 1.23
CA HIS A 212 16.48 2.21 1.06
C HIS A 212 16.80 2.20 -0.44
N ILE A 213 17.81 2.98 -0.84
CA ILE A 213 18.20 3.05 -2.26
C ILE A 213 18.89 1.75 -2.66
N GLU A 214 18.43 1.16 -3.77
CA GLU A 214 19.03 -0.07 -4.28
C GLU A 214 19.85 0.26 -5.51
N PRO A 215 21.17 0.04 -5.46
CA PRO A 215 22.06 0.61 -6.49
C PRO A 215 21.67 0.32 -7.93
N GLY A 216 21.34 -0.92 -8.25
CA GLY A 216 21.05 -1.27 -9.63
C GLY A 216 19.60 -1.61 -9.90
N LYS A 217 18.70 -0.67 -9.62
CA LYS A 217 17.27 -0.83 -9.87
C LYS A 217 16.80 0.37 -10.70
N LYS A 218 16.77 0.22 -12.02
CA LYS A 218 16.23 1.29 -12.84
C LYS A 218 14.71 1.26 -12.94
N VAL A 219 14.05 0.26 -12.35
CA VAL A 219 12.59 0.19 -12.34
C VAL A 219 12.12 0.01 -10.90
N LEU A 220 11.46 1.04 -10.37
CA LEU A 220 10.93 1.01 -9.01
C LEU A 220 9.57 0.29 -9.03
N ASN A 221 8.97 0.15 -7.85
CA ASN A 221 7.58 -0.31 -7.77
C ASN A 221 6.68 0.59 -8.61
N VAL A 222 5.48 0.07 -8.92
CA VAL A 222 4.60 0.70 -9.91
C VAL A 222 4.33 2.17 -9.56
N SER A 223 3.85 2.45 -8.35
CA SER A 223 3.46 3.84 -8.09
C SER A 223 4.67 4.76 -8.11
N SER A 224 5.79 4.31 -7.54
CA SER A 224 7.00 5.13 -7.53
C SER A 224 7.60 5.29 -8.92
N GLU A 225 7.42 4.28 -9.79
CA GLU A 225 7.96 4.35 -11.14
C GLU A 225 7.26 5.42 -11.99
N VAL A 226 6.06 5.87 -11.57
CA VAL A 226 5.39 6.96 -12.27
C VAL A 226 6.25 8.21 -12.24
N ILE A 227 6.73 8.58 -11.04
CA ILE A 227 7.59 9.74 -10.91
C ILE A 227 8.97 9.49 -11.51
N ASN A 228 9.50 8.27 -11.32
CA ASN A 228 10.79 7.92 -11.93
C ASN A 228 10.76 8.13 -13.44
N GLN A 229 9.67 7.72 -14.09
CA GLN A 229 9.55 7.91 -15.53
C GLN A 229 9.58 9.40 -15.91
N LEU A 230 8.81 10.22 -15.19
CA LEU A 230 8.72 11.63 -15.57
C LEU A 230 10.08 12.31 -15.46
N VAL A 231 10.86 11.96 -14.43
CA VAL A 231 12.17 12.58 -14.22
C VAL A 231 13.14 12.23 -15.35
N HIS A 232 12.93 11.10 -16.02
CA HIS A 232 13.86 10.64 -17.04
C HIS A 232 13.33 10.79 -18.46
N LEU A 233 12.11 11.30 -18.63
CA LEU A 233 11.63 11.61 -19.97
C LEU A 233 12.48 12.72 -20.60
N LYS A 234 12.59 12.67 -21.92
CA LYS A 234 13.21 13.72 -22.69
C LYS A 234 12.20 14.82 -22.98
N LYS A 235 12.71 15.99 -23.36
CA LYS A 235 11.86 17.17 -23.42
C LYS A 235 10.71 17.00 -24.42
N ASP A 236 10.97 16.30 -25.52
CA ASP A 236 9.96 16.13 -26.56
C ASP A 236 9.17 14.84 -26.42
N ASP A 237 9.38 14.07 -25.34
CA ASP A 237 8.76 12.76 -25.24
C ASP A 237 7.25 12.89 -24.99
N PRO A 238 6.47 11.89 -25.42
CA PRO A 238 5.05 11.89 -25.11
C PRO A 238 4.80 11.70 -23.61
N LEU A 239 3.74 12.36 -23.10
CA LEU A 239 3.41 12.31 -21.68
C LEU A 239 2.53 11.11 -21.37
N PRO A 240 2.83 10.37 -20.31
CA PRO A 240 1.90 9.33 -19.83
C PRO A 240 0.59 9.95 -19.39
N GLN A 241 -0.47 9.14 -19.33
CA GLN A 241 -1.76 9.54 -18.78
C GLN A 241 -1.88 8.86 -17.43
N VAL A 242 -1.80 9.63 -16.35
CA VAL A 242 -1.96 9.10 -14.99
C VAL A 242 -2.68 10.14 -14.15
N ALA A 243 -3.78 9.76 -13.50
CA ALA A 243 -4.48 10.71 -12.64
C ALA A 243 -5.18 9.97 -11.51
N CYS A 244 -5.03 10.51 -10.29
CA CYS A 244 -5.61 9.90 -9.08
C CYS A 244 -5.38 10.86 -7.92
N GLY A 245 -5.61 10.37 -6.68
CA GLY A 245 -5.11 11.05 -5.50
C GLY A 245 -3.67 10.62 -5.24
N TYR A 246 -2.94 11.43 -4.48
CA TYR A 246 -1.62 11.08 -3.98
C TYR A 246 -1.60 11.08 -2.45
N ILE A 247 -0.68 10.29 -1.89
CA ILE A 247 -0.46 10.24 -0.46
C ILE A 247 0.97 9.78 -0.27
N ASP A 248 1.61 10.24 0.81
CA ASP A 248 3.02 9.91 1.05
C ASP A 248 3.13 8.56 1.77
N VAL A 249 4.15 7.77 1.39
CA VAL A 249 4.36 6.41 1.93
C VAL A 249 4.56 6.44 3.43
N ARG A 250 5.16 7.50 3.95
CA ARG A 250 5.42 7.54 5.39
C ARG A 250 4.15 7.85 6.18
N ASP A 251 3.22 8.60 5.59
CA ASP A 251 1.89 8.77 6.17
C ASP A 251 1.12 7.46 6.15
N ILE A 252 1.32 6.66 5.09
CA ILE A 252 0.68 5.35 5.00
C ILE A 252 1.21 4.43 6.11
N ALA A 253 2.52 4.45 6.32
CA ALA A 253 3.10 3.62 7.37
C ALA A 253 2.55 4.01 8.72
N LYS A 254 2.56 5.31 9.02
CA LYS A 254 2.03 5.80 10.29
C LYS A 254 0.58 5.36 10.50
N ALA A 255 -0.23 5.44 9.45
CA ALA A 255 -1.64 5.08 9.58
C ALA A 255 -1.82 3.59 9.87
N HIS A 256 -0.97 2.72 9.26
CA HIS A 256 -1.04 1.29 9.56
C HIS A 256 -0.78 1.01 11.03
N ILE A 257 0.18 1.73 11.63
CA ILE A 257 0.54 1.48 13.02
C ILE A 257 -0.53 2.01 13.95
N LEU A 258 -1.03 3.23 13.69
CA LEU A 258 -2.14 3.74 14.47
C LEU A 258 -3.35 2.80 14.37
N ALA A 259 -3.55 2.19 13.20
CA ALA A 259 -4.70 1.33 12.98
C ALA A 259 -4.67 0.06 13.83
N PHE A 260 -3.55 -0.32 14.43
CA PHE A 260 -3.61 -1.37 15.44
C PHE A 260 -3.41 -0.88 16.87
N GLN A 261 -3.00 0.37 17.07
CA GLN A 261 -2.78 0.91 18.42
C GLN A 261 -4.03 1.56 18.99
N LYS A 262 -4.81 2.26 18.18
CA LYS A 262 -5.93 3.07 18.66
C LYS A 262 -7.23 2.28 18.57
N ASP A 263 -8.05 2.36 19.62
CA ASP A 263 -9.32 1.64 19.63
C ASP A 263 -10.38 2.27 18.73
N GLU A 264 -10.31 3.58 18.44
CA GLU A 264 -11.36 4.14 17.60
C GLU A 264 -11.18 3.75 16.14
N LEU A 265 -10.04 3.17 15.78
CA LEU A 265 -9.83 2.70 14.42
C LEU A 265 -10.33 1.27 14.20
N ILE A 266 -10.74 0.57 15.27
CA ILE A 266 -11.32 -0.75 15.10
C ILE A 266 -12.52 -0.68 14.17
N GLY A 267 -12.54 -1.56 13.17
CA GLY A 267 -13.67 -1.69 12.26
C GLY A 267 -13.78 -0.60 11.21
N GLN A 268 -12.73 0.19 11.03
CA GLN A 268 -12.78 1.33 10.11
C GLN A 268 -12.08 1.00 8.80
N ARG A 269 -12.60 1.59 7.72
CA ARG A 269 -11.92 1.66 6.43
C ARG A 269 -11.29 3.05 6.35
N LEU A 270 -9.97 3.11 6.40
CA LEU A 270 -9.25 4.38 6.46
C LEU A 270 -8.84 4.77 5.03
N LEU A 271 -9.42 5.87 4.54
CA LEU A 271 -9.23 6.31 3.15
C LEU A 271 -8.09 7.31 3.15
N LEU A 272 -6.93 6.91 2.66
CA LEU A 272 -5.70 7.69 2.82
C LEU A 272 -5.42 8.47 1.55
N HIS A 273 -5.52 9.80 1.62
CA HIS A 273 -5.57 10.64 0.43
C HIS A 273 -5.25 12.06 0.86
N SER A 274 -4.33 12.70 0.14
CA SER A 274 -3.93 14.06 0.50
C SER A 274 -4.34 15.10 -0.51
N GLY A 275 -4.39 14.77 -1.80
CA GLY A 275 -4.75 15.75 -2.82
C GLY A 275 -4.82 15.07 -4.17
N LEU A 276 -5.28 15.83 -5.17
CA LEU A 276 -5.48 15.27 -6.50
C LEU A 276 -4.34 15.65 -7.45
N PHE A 277 -4.10 14.78 -8.43
CA PHE A 277 -3.07 15.04 -9.43
C PHE A 277 -3.44 14.48 -10.80
N THR A 278 -3.02 15.20 -11.85
CA THR A 278 -2.78 14.65 -13.17
C THR A 278 -1.27 14.72 -13.44
N VAL A 279 -0.84 14.15 -14.57
CA VAL A 279 0.59 14.22 -14.88
C VAL A 279 1.06 15.67 -14.94
N GLN A 280 0.18 16.59 -15.38
CA GLN A 280 0.54 18.00 -15.43
C GLN A 280 0.82 18.55 -14.03
N THR A 281 -0.01 18.17 -13.05
CA THR A 281 0.24 18.56 -11.67
C THR A 281 1.63 18.16 -11.25
N LEU A 282 2.03 16.93 -11.58
CA LEU A 282 3.36 16.44 -11.21
C LEU A 282 4.46 17.15 -11.98
N LEU A 283 4.26 17.35 -13.29
CA LEU A 283 5.29 18.06 -14.05
C LEU A 283 5.47 19.48 -13.51
N ASP A 284 4.37 20.16 -13.21
CA ASP A 284 4.49 21.51 -12.67
C ASP A 284 5.30 21.52 -11.39
N ALA A 285 5.04 20.55 -10.50
CA ALA A 285 5.76 20.51 -9.22
C ALA A 285 7.22 20.16 -9.40
N ILE A 286 7.53 19.21 -10.28
CA ILE A 286 8.92 18.80 -10.47
C ILE A 286 9.73 19.94 -11.09
N ASN A 287 9.20 20.55 -12.15
CA ASN A 287 9.88 21.66 -12.81
C ASN A 287 10.05 22.85 -11.86
N GLU A 288 9.04 23.13 -11.04
CA GLU A 288 9.13 24.25 -10.10
C GLU A 288 10.20 23.98 -9.04
N GLN A 289 10.21 22.79 -8.46
CA GLN A 289 11.09 22.50 -7.34
C GLN A 289 12.49 22.07 -7.74
N PHE A 290 12.69 21.62 -8.97
CA PHE A 290 14.00 21.18 -9.45
C PHE A 290 14.33 21.89 -10.75
N PRO A 291 14.72 23.16 -10.67
CA PRO A 291 14.93 23.94 -11.91
C PRO A 291 16.03 23.37 -12.79
N GLU A 292 16.91 22.54 -12.26
CA GLU A 292 17.91 21.87 -13.09
C GLU A 292 17.31 20.89 -14.07
N LEU A 293 16.05 20.48 -13.88
CA LEU A 293 15.35 19.64 -14.83
C LEU A 293 14.57 20.44 -15.86
N ARG A 294 14.44 21.76 -15.66
CA ARG A 294 13.66 22.57 -16.58
C ARG A 294 14.27 22.56 -17.97
N GLY A 295 13.43 22.37 -18.98
CA GLY A 295 13.91 22.22 -20.35
C GLY A 295 14.60 20.92 -20.66
N LYS A 296 14.76 20.03 -19.67
CA LYS A 296 15.30 18.69 -19.87
C LYS A 296 14.21 17.62 -19.87
N ILE A 297 13.21 17.80 -19.03
CA ILE A 297 12.05 16.91 -18.99
C ILE A 297 10.89 17.71 -19.58
N PRO A 298 9.80 17.08 -19.99
CA PRO A 298 8.69 17.86 -20.58
C PRO A 298 8.16 18.91 -19.63
N ALA A 299 7.66 20.00 -20.20
CA ALA A 299 6.90 20.99 -19.46
C ALA A 299 5.40 20.74 -19.53
N GLY A 300 4.94 19.91 -20.45
CA GLY A 300 3.52 19.75 -20.63
C GLY A 300 2.92 21.08 -21.06
N GLU A 301 1.68 21.31 -20.62
CA GLU A 301 1.00 22.57 -20.91
C GLU A 301 0.51 23.13 -19.58
N PRO A 302 1.33 23.92 -18.89
CA PRO A 302 0.91 24.50 -17.62
C PRO A 302 -0.46 25.15 -17.72
N GLY A 303 -1.26 24.99 -16.67
CA GLY A 303 -2.62 25.52 -16.68
C GLY A 303 -3.66 24.60 -17.29
N SER A 304 -3.26 23.47 -17.86
CA SER A 304 -4.19 22.55 -18.48
C SER A 304 -4.37 21.31 -17.60
N ASN A 305 -5.34 20.50 -17.98
CA ASN A 305 -5.65 19.21 -17.34
C ASN A 305 -5.62 19.30 -15.82
N LYS A 306 -6.44 20.19 -15.28
CA LYS A 306 -6.54 20.30 -13.83
C LYS A 306 -7.29 19.09 -13.28
N PRO A 307 -6.81 18.44 -12.21
CA PRO A 307 -7.49 17.22 -11.76
C PRO A 307 -8.89 17.46 -11.26
N GLU A 308 -9.20 18.68 -10.80
CA GLU A 308 -10.55 19.01 -10.36
C GLU A 308 -11.56 18.87 -11.48
N ASP A 309 -11.14 19.08 -12.74
CA ASP A 309 -12.04 18.96 -13.88
C ASP A 309 -12.09 17.56 -14.46
N LEU A 310 -11.50 16.57 -13.79
CA LEU A 310 -11.40 15.24 -14.35
C LEU A 310 -11.94 14.18 -13.39
N LEU A 311 -11.49 14.24 -12.14
CA LEU A 311 -11.62 13.14 -11.19
C LEU A 311 -12.88 13.26 -10.34
N THR A 312 -13.42 12.12 -9.94
CA THR A 312 -14.48 12.09 -8.95
C THR A 312 -13.96 12.66 -7.63
N PRO A 313 -14.68 13.57 -6.98
CA PRO A 313 -14.21 14.13 -5.71
C PRO A 313 -14.12 13.07 -4.63
N ILE A 314 -13.23 13.31 -3.67
CA ILE A 314 -12.96 12.37 -2.58
C ILE A 314 -13.15 13.11 -1.28
N ASP A 315 -14.04 12.60 -0.44
CA ASP A 315 -14.27 13.11 0.90
C ASP A 315 -13.72 12.09 1.88
N ASN A 316 -12.58 12.38 2.46
CA ASN A 316 -12.05 11.53 3.53
C ASN A 316 -11.90 12.32 4.81
N THR A 317 -12.79 13.28 5.04
CA THR A 317 -12.73 14.06 6.28
C THR A 317 -12.93 13.20 7.53
N LYS A 318 -13.75 12.14 7.44
CA LYS A 318 -13.90 11.23 8.58
C LYS A 318 -12.59 10.53 8.90
N THR A 319 -11.85 10.09 7.88
CA THR A 319 -10.57 9.42 8.12
C THR A 319 -9.55 10.38 8.73
N LYS A 320 -9.50 11.62 8.24
CA LYS A 320 -8.57 12.61 8.78
C LYS A 320 -8.84 12.89 10.25
N LYS A 321 -10.12 12.99 10.64
CA LYS A 321 -10.45 13.21 12.04
C LYS A 321 -10.05 12.02 12.90
N LEU A 322 -10.28 10.80 12.41
CA LEU A 322 -9.95 9.59 13.17
C LEU A 322 -8.44 9.45 13.37
N LEU A 323 -7.67 9.74 12.34
CA LEU A 323 -6.21 9.61 12.44
C LEU A 323 -5.56 10.73 13.24
N GLY A 324 -6.08 11.95 13.15
CA GLY A 324 -5.58 13.04 13.97
C GLY A 324 -4.20 13.58 13.64
N PHE A 325 -3.69 13.37 12.43
CA PHE A 325 -2.44 14.00 12.02
C PHE A 325 -2.56 14.52 10.59
N GLU A 326 -1.80 15.57 10.29
CA GLU A 326 -1.91 16.23 8.99
C GLU A 326 -1.01 15.52 7.99
N PHE A 327 -1.52 15.32 6.78
CA PHE A 327 -0.78 14.59 5.75
C PHE A 327 0.22 15.50 5.07
N ARG A 328 1.30 14.91 4.58
CA ARG A 328 2.26 15.69 3.80
C ARG A 328 1.65 16.16 2.50
N ASP A 329 2.03 17.37 2.05
CA ASP A 329 1.46 17.91 0.82
C ASP A 329 2.33 17.53 -0.38
N LEU A 330 1.88 17.91 -1.57
CA LEU A 330 2.56 17.47 -2.78
C LEU A 330 3.96 18.04 -2.86
N LYS A 331 4.15 19.30 -2.49
CA LYS A 331 5.49 19.87 -2.57
C LYS A 331 6.49 19.07 -1.71
N THR A 332 6.07 18.69 -0.50
CA THR A 332 6.94 17.87 0.34
C THR A 332 7.22 16.52 -0.31
N ILE A 333 6.16 15.85 -0.78
CA ILE A 333 6.31 14.56 -1.46
C ILE A 333 7.28 14.66 -2.63
N ILE A 334 7.09 15.66 -3.49
CA ILE A 334 7.90 15.76 -4.69
C ILE A 334 9.36 16.06 -4.33
N GLN A 335 9.56 16.94 -3.35
CA GLN A 335 10.92 17.28 -2.94
C GLN A 335 11.65 16.06 -2.40
N ASP A 336 11.00 15.29 -1.53
CA ASP A 336 11.66 14.14 -0.92
C ASP A 336 11.85 13.01 -1.93
N THR A 337 10.87 12.82 -2.82
CA THR A 337 10.96 11.72 -3.78
C THR A 337 12.02 11.99 -4.85
N VAL A 338 11.95 13.15 -5.49
CA VAL A 338 12.81 13.41 -6.64
C VAL A 338 14.24 13.65 -6.21
N SER A 339 14.45 14.30 -5.06
CA SER A 339 15.82 14.50 -4.57
C SER A 339 16.52 13.16 -4.35
N GLN A 340 15.81 12.16 -3.85
CA GLN A 340 16.43 10.86 -3.64
C GLN A 340 16.79 10.20 -4.97
N ILE A 341 15.93 10.34 -5.98
CA ILE A 341 16.22 9.80 -7.30
C ILE A 341 17.46 10.47 -7.88
N LEU A 342 17.54 11.80 -7.78
CA LEU A 342 18.66 12.56 -8.35
C LEU A 342 19.97 12.22 -7.66
N GLU A 343 19.93 12.06 -6.33
CA GLU A 343 21.13 11.79 -5.50
C GLU A 343 21.72 10.43 -5.87
N ALA A 344 20.87 9.54 -6.38
CA ALA A 344 21.30 8.19 -6.83
C ALA A 344 21.65 8.20 -8.32
#